data_2I5R
#
_entry.id   2I5R
#
_cell.length_a   36.667
_cell.length_b   73.031
_cell.length_c   114.922
_cell.angle_alpha   90.00
_cell.angle_beta   90.00
_cell.angle_gamma   90.00
#
_symmetry.space_group_name_H-M   'P 21 21 21'
#
loop_
_entity.id
_entity.type
_entity.pdbx_description
1 polymer 'Toprim domain-containing protein'
2 non-polymer 'MAGNESIUM ION'
3 non-polymer GLYCEROL
4 non-polymer 'SULFATE ION'
5 non-polymer '2-(N-MORPHOLINO)-ETHANESULFONIC ACID'
6 water water
#
_entity_poly.entity_id   1
_entity_poly.type   'polypeptide(L)'
_entity_poly.pdbx_seq_one_letter_code
;SNAMRRVEKVIIVEGRSDKQKVAAVLNEPVVIVCTNGTISDARLEELADELEGYDVYLLADADEAGEKLRRQFRRMFPEA
EHLYIDRAYREVAAAPIWHLAQVLLRARFDVRIESLMRGRGE
;
_entity_poly.pdbx_strand_id   A,B,C
#
# COMPACT_ATOMS: atom_id res chain seq x y z
N ALA A 3 11.36 -34.16 -4.47
CA ALA A 3 10.80 -33.85 -5.83
C ALA A 3 10.13 -32.47 -5.95
N MET A 4 8.90 -32.33 -5.46
CA MET A 4 8.16 -31.09 -5.64
C MET A 4 8.42 -30.12 -4.48
N ARG A 5 8.53 -28.84 -4.81
CA ARG A 5 8.66 -27.83 -3.78
C ARG A 5 7.30 -27.24 -3.48
N ARG A 6 7.16 -26.67 -2.30
CA ARG A 6 5.88 -26.13 -1.88
C ARG A 6 5.51 -24.90 -2.71
N VAL A 7 4.21 -24.70 -2.86
CA VAL A 7 3.69 -23.56 -3.59
C VAL A 7 3.58 -22.42 -2.60
N GLU A 8 4.23 -21.30 -2.91
CA GLU A 8 4.20 -20.15 -2.01
C GLU A 8 3.89 -18.83 -2.68
N LYS A 9 3.66 -18.85 -3.97
CA LYS A 9 3.33 -17.62 -4.69
C LYS A 9 1.84 -17.58 -4.97
N VAL A 10 1.27 -16.39 -4.87
CA VAL A 10 -0.16 -16.20 -5.14
C VAL A 10 -0.33 -14.94 -5.96
N ILE A 11 -1.09 -15.05 -7.04
CA ILE A 11 -1.47 -13.89 -7.82
C ILE A 11 -2.97 -13.68 -7.67
N ILE A 12 -3.36 -12.44 -7.38
CA ILE A 12 -4.76 -12.11 -7.24
C ILE A 12 -5.14 -11.26 -8.43
N VAL A 13 -6.26 -11.64 -9.06
CA VAL A 13 -6.83 -10.94 -10.21
C VAL A 13 -8.31 -10.69 -10.01
N GLU A 14 -8.90 -9.87 -10.89
CA GLU A 14 -10.29 -9.44 -10.74
CA GLU A 14 -10.30 -9.45 -10.78
C GLU A 14 -11.27 -10.42 -11.38
N GLY A 15 -10.91 -10.95 -12.55
CA GLY A 15 -11.86 -11.69 -13.35
C GLY A 15 -11.38 -13.06 -13.76
N ARG A 16 -12.34 -13.91 -14.11
CA ARG A 16 -12.06 -15.28 -14.50
C ARG A 16 -11.15 -15.34 -15.73
N SER A 17 -11.42 -14.47 -16.71
CA SER A 17 -10.59 -14.44 -17.92
CA SER A 17 -10.60 -14.43 -17.92
C SER A 17 -9.16 -14.02 -17.59
N ASP A 18 -9.01 -13.06 -16.66
CA ASP A 18 -7.67 -12.65 -16.22
C ASP A 18 -6.91 -13.85 -15.66
N LYS A 19 -7.63 -14.66 -14.87
CA LYS A 19 -7.06 -15.83 -14.20
C LYS A 19 -6.60 -16.87 -15.21
N GLN A 20 -7.49 -17.18 -16.16
CA GLN A 20 -7.17 -18.17 -17.20
C GLN A 20 -5.94 -17.75 -18.00
N LYS A 21 -5.86 -16.46 -18.30
CA LYS A 21 -4.76 -15.90 -19.07
C LYS A 21 -3.44 -15.94 -18.33
N VAL A 22 -3.47 -15.53 -17.07
CA VAL A 22 -2.28 -15.58 -16.24
C VAL A 22 -1.80 -17.02 -16.08
N ALA A 23 -2.75 -17.94 -15.81
CA ALA A 23 -2.42 -19.36 -15.68
C ALA A 23 -1.72 -19.89 -16.92
N ALA A 24 -2.13 -19.41 -18.09
CA ALA A 24 -1.62 -19.92 -19.38
C ALA A 24 -0.15 -19.60 -19.57
N VAL A 25 0.33 -18.54 -18.93
CA VAL A 25 1.70 -18.09 -19.17
C VAL A 25 2.70 -18.68 -18.16
N LEU A 26 2.20 -19.15 -17.02
CA LEU A 26 3.09 -19.58 -15.95
C LEU A 26 3.71 -20.94 -16.19
N ASN A 27 4.97 -21.07 -15.76
CA ASN A 27 5.67 -22.34 -15.85
C ASN A 27 6.03 -22.90 -14.47
N GLU A 28 5.40 -22.35 -13.45
CA GLU A 28 5.50 -22.91 -12.10
C GLU A 28 4.13 -22.86 -11.45
N PRO A 29 3.88 -23.74 -10.45
CA PRO A 29 2.55 -23.70 -9.82
C PRO A 29 2.36 -22.43 -8.99
N VAL A 30 1.27 -21.71 -9.24
CA VAL A 30 0.96 -20.50 -8.51
C VAL A 30 -0.52 -20.55 -8.20
N VAL A 31 -0.90 -20.18 -6.97
CA VAL A 31 -2.31 -20.08 -6.68
C VAL A 31 -2.84 -18.78 -7.28
N ILE A 32 -3.90 -18.88 -8.08
CA ILE A 32 -4.49 -17.67 -8.64
C ILE A 32 -5.87 -17.50 -8.07
N VAL A 33 -6.07 -16.36 -7.42
CA VAL A 33 -7.30 -16.06 -6.73
C VAL A 33 -8.01 -15.02 -7.55
N CYS A 34 -9.27 -15.26 -7.88
CA CYS A 34 -10.08 -14.33 -8.62
CA CYS A 34 -10.01 -14.22 -8.56
C CYS A 34 -11.10 -13.68 -7.67
N THR A 35 -11.23 -12.35 -7.68
CA THR A 35 -12.15 -11.66 -6.76
C THR A 35 -13.57 -11.58 -7.31
N ASN A 36 -13.72 -11.91 -8.60
CA ASN A 36 -15.01 -11.87 -9.30
C ASN A 36 -15.65 -10.48 -9.23
N GLY A 37 -14.82 -9.47 -9.47
CA GLY A 37 -15.24 -8.08 -9.36
C GLY A 37 -14.87 -7.56 -7.99
N THR A 38 -15.83 -6.95 -7.30
CA THR A 38 -15.57 -6.41 -5.98
C THR A 38 -15.44 -7.51 -4.92
N ILE A 39 -14.73 -7.22 -3.85
CA ILE A 39 -14.59 -8.14 -2.72
C ILE A 39 -14.78 -7.36 -1.41
N SER A 40 -15.53 -7.94 -0.46
CA SER A 40 -15.77 -7.31 0.83
C SER A 40 -14.50 -7.20 1.66
N ASP A 41 -14.46 -6.23 2.58
CA ASP A 41 -13.33 -6.08 3.49
C ASP A 41 -13.14 -7.34 4.33
N ALA A 42 -14.24 -7.92 4.82
CA ALA A 42 -14.19 -9.11 5.67
C ALA A 42 -13.49 -10.24 4.95
N ARG A 43 -13.94 -10.54 3.74
CA ARG A 43 -13.34 -11.61 2.95
C ARG A 43 -11.87 -11.30 2.69
N LEU A 44 -11.55 -10.03 2.44
CA LEU A 44 -10.16 -9.66 2.18
C LEU A 44 -9.26 -9.84 3.40
N GLU A 45 -9.74 -9.43 4.57
CA GLU A 45 -9.02 -9.64 5.82
C GLU A 45 -8.79 -11.13 5.99
N GLU A 46 -9.86 -11.91 5.78
CA GLU A 46 -9.81 -13.37 5.84
C GLU A 46 -8.80 -13.96 4.86
N LEU A 47 -8.79 -13.46 3.63
CA LEU A 47 -7.84 -13.88 2.62
C LEU A 47 -6.40 -13.51 3.03
N ALA A 48 -6.20 -12.27 3.48
CA ALA A 48 -4.89 -11.82 3.97
C ALA A 48 -4.35 -12.69 5.12
N ASP A 49 -5.22 -13.01 6.10
CA ASP A 49 -4.88 -13.92 7.19
C ASP A 49 -4.44 -15.30 6.69
N GLU A 50 -5.18 -15.85 5.73
CA GLU A 50 -4.88 -17.19 5.21
C GLU A 50 -3.57 -17.18 4.43
N LEU A 51 -3.27 -16.07 3.77
CA LEU A 51 -2.08 -16.01 2.92
C LEU A 51 -0.84 -15.49 3.66
N GLU A 52 -0.92 -15.46 4.99
CA GLU A 52 0.23 -15.09 5.79
C GLU A 52 1.37 -16.04 5.43
N GLY A 53 2.51 -15.47 5.06
CA GLY A 53 3.68 -16.27 4.74
C GLY A 53 3.81 -16.61 3.28
N TYR A 54 2.79 -16.26 2.50
CA TYR A 54 2.84 -16.43 1.05
C TYR A 54 3.41 -15.18 0.43
N ASP A 55 3.89 -15.35 -0.81
CA ASP A 55 4.46 -14.27 -1.57
C ASP A 55 3.33 -13.85 -2.51
N VAL A 56 2.64 -12.77 -2.14
CA VAL A 56 1.38 -12.39 -2.78
C VAL A 56 1.49 -11.17 -3.72
N TYR A 57 0.79 -11.27 -4.85
CA TYR A 57 0.82 -10.20 -5.88
C TYR A 57 -0.60 -9.90 -6.32
N LEU A 58 -0.84 -8.64 -6.68
CA LEU A 58 -2.13 -8.21 -7.23
C LEU A 58 -1.92 -7.66 -8.62
N LEU A 59 -2.62 -8.23 -9.60
CA LEU A 59 -2.51 -7.78 -10.99
C LEU A 59 -3.91 -7.33 -11.44
N ALA A 60 -4.08 -6.02 -11.54
CA ALA A 60 -5.40 -5.42 -11.85
C ALA A 60 -5.34 -4.61 -13.15
N ASP A 61 -6.51 -4.37 -13.75
CA ASP A 61 -6.60 -3.57 -14.96
C ASP A 61 -6.17 -2.13 -14.72
N ALA A 62 -5.74 -1.44 -15.79
CA ALA A 62 -5.57 0.02 -15.79
C ALA A 62 -6.90 0.74 -16.05
N ASP A 63 -7.82 0.66 -15.08
CA ASP A 63 -9.09 1.33 -15.19
C ASP A 63 -9.60 1.62 -13.81
N GLU A 64 -10.75 2.30 -13.68
CA GLU A 64 -11.25 2.69 -12.36
C GLU A 64 -11.55 1.50 -11.44
N ALA A 65 -12.10 0.43 -11.99
CA ALA A 65 -12.44 -0.74 -11.19
C ALA A 65 -11.16 -1.41 -10.71
N GLY A 66 -10.15 -1.47 -11.57
CA GLY A 66 -8.86 -2.06 -11.18
C GLY A 66 -8.22 -1.25 -10.07
N GLU A 67 -8.28 0.08 -10.23
CA GLU A 67 -7.74 0.98 -9.22
C GLU A 67 -8.48 0.91 -7.88
N LYS A 68 -9.79 0.69 -7.92
CA LYS A 68 -10.59 0.55 -6.69
C LYS A 68 -10.14 -0.66 -5.91
N LEU A 69 -9.87 -1.74 -6.63
CA LEU A 69 -9.32 -2.95 -6.02
C LEU A 69 -7.97 -2.69 -5.40
N ARG A 70 -7.08 -2.01 -6.13
CA ARG A 70 -5.75 -1.69 -5.62
C ARG A 70 -5.85 -0.88 -4.34
N ARG A 71 -6.76 0.09 -4.33
CA ARG A 71 -6.96 0.94 -3.14
CA ARG A 71 -6.98 0.94 -3.14
C ARG A 71 -7.33 0.08 -1.93
N GLN A 72 -8.24 -0.86 -2.14
CA GLN A 72 -8.68 -1.75 -1.08
C GLN A 72 -7.53 -2.59 -0.56
N PHE A 73 -6.69 -3.09 -1.46
CA PHE A 73 -5.56 -3.92 -1.08
C PHE A 73 -4.51 -3.14 -0.33
N ARG A 74 -4.25 -1.89 -0.73
CA ARG A 74 -3.28 -1.06 -0.03
C ARG A 74 -3.72 -0.83 1.42
N ARG A 75 -5.03 -0.80 1.64
CA ARG A 75 -5.61 -0.61 2.99
C ARG A 75 -5.73 -1.91 3.79
N MET A 76 -6.24 -2.96 3.15
CA MET A 76 -6.59 -4.19 3.86
C MET A 76 -5.51 -5.27 3.78
N PHE A 77 -4.67 -5.19 2.75
CA PHE A 77 -3.72 -6.25 2.43
C PHE A 77 -2.41 -5.64 1.91
N PRO A 78 -1.73 -4.86 2.77
CA PRO A 78 -0.54 -4.14 2.33
C PRO A 78 0.63 -5.07 1.98
N GLU A 79 0.56 -6.32 2.41
CA GLU A 79 1.57 -7.32 2.05
C GLU A 79 1.58 -7.65 0.57
N ALA A 80 0.47 -7.41 -0.11
CA ALA A 80 0.37 -7.77 -1.52
C ALA A 80 1.14 -6.77 -2.37
N GLU A 81 1.97 -7.30 -3.27
CA GLU A 81 2.77 -6.50 -4.18
C GLU A 81 1.98 -6.23 -5.45
N HIS A 82 1.99 -4.99 -5.91
CA HIS A 82 1.22 -4.62 -7.10
C HIS A 82 2.01 -4.73 -8.38
N LEU A 83 1.44 -5.48 -9.32
CA LEU A 83 1.97 -5.64 -10.67
C LEU A 83 1.10 -4.88 -11.64
N TYR A 84 1.74 -4.33 -12.68
CA TYR A 84 1.04 -3.46 -13.63
CA TYR A 84 1.04 -3.48 -13.62
C TYR A 84 1.28 -3.88 -15.06
N ILE A 85 0.25 -3.75 -15.89
CA ILE A 85 0.42 -3.89 -17.33
C ILE A 85 0.53 -2.48 -17.91
N ASP A 86 0.96 -2.41 -19.17
CA ASP A 86 1.11 -1.13 -19.87
C ASP A 86 -0.28 -0.56 -20.04
N ARG A 87 -0.43 0.73 -19.71
CA ARG A 87 -1.72 1.41 -19.90
C ARG A 87 -2.21 1.39 -21.35
N ALA A 88 -1.31 1.20 -22.29
CA ALA A 88 -1.68 1.13 -23.70
C ALA A 88 -2.57 -0.07 -24.00
N TYR A 89 -2.48 -1.12 -23.19
CA TYR A 89 -3.35 -2.30 -23.33
C TYR A 89 -4.59 -2.25 -22.43
N ARG A 90 -4.50 -1.45 -21.37
CA ARG A 90 -5.65 -1.07 -20.55
C ARG A 90 -6.08 -2.18 -19.61
N GLU A 91 -6.46 -3.33 -20.18
CA GLU A 91 -6.94 -4.45 -19.35
C GLU A 91 -6.08 -5.69 -19.51
N VAL A 92 -5.95 -6.44 -18.42
CA VAL A 92 -5.22 -7.70 -18.45
C VAL A 92 -5.73 -8.58 -19.60
N ALA A 93 -7.05 -8.59 -19.78
CA ALA A 93 -7.69 -9.38 -20.84
C ALA A 93 -7.22 -8.96 -22.25
N ALA A 94 -6.90 -7.68 -22.43
CA ALA A 94 -6.51 -7.14 -23.72
C ALA A 94 -5.00 -7.19 -23.96
N ALA A 95 -4.22 -7.41 -22.89
CA ALA A 95 -2.76 -7.45 -23.03
C ALA A 95 -2.29 -8.68 -23.79
N PRO A 96 -1.32 -8.50 -24.70
CA PRO A 96 -0.80 -9.69 -25.39
C PRO A 96 -0.15 -10.64 -24.39
N ILE A 97 -0.23 -11.91 -24.69
CA ILE A 97 0.35 -12.96 -23.84
C ILE A 97 1.83 -12.66 -23.52
N TRP A 98 2.60 -12.20 -24.52
CA TRP A 98 4.02 -11.94 -24.28
C TRP A 98 4.22 -10.82 -23.26
N HIS A 99 3.31 -9.84 -23.26
CA HIS A 99 3.46 -8.69 -22.37
C HIS A 99 3.18 -9.13 -20.95
N LEU A 100 2.09 -9.87 -20.77
CA LEU A 100 1.80 -10.49 -19.47
CA LEU A 100 1.81 -10.48 -19.46
C LEU A 100 2.99 -11.31 -18.96
N ALA A 101 3.54 -12.15 -19.85
CA ALA A 101 4.65 -12.98 -19.49
C ALA A 101 5.83 -12.14 -19.01
N GLN A 102 6.13 -11.04 -19.70
CA GLN A 102 7.24 -10.16 -19.27
C GLN A 102 6.99 -9.48 -17.92
N VAL A 103 5.77 -9.01 -17.68
CA VAL A 103 5.41 -8.43 -16.38
C VAL A 103 5.70 -9.43 -15.27
N LEU A 104 5.27 -10.68 -15.48
CA LEU A 104 5.44 -11.72 -14.49
C LEU A 104 6.92 -12.10 -14.36
N LEU A 105 7.58 -12.21 -15.50
CA LEU A 105 9.02 -12.50 -15.50
C LEU A 105 9.80 -11.43 -14.70
N ARG A 106 9.44 -10.16 -14.89
CA ARG A 106 10.10 -9.07 -14.15
C ARG A 106 9.90 -9.18 -12.64
N ALA A 107 8.78 -9.81 -12.25
CA ALA A 107 8.45 -10.04 -10.85
C ALA A 107 8.99 -11.39 -10.35
N ARG A 108 9.85 -12.00 -11.15
CA ARG A 108 10.57 -13.23 -10.79
C ARG A 108 9.71 -14.51 -10.87
N PHE A 109 8.62 -14.46 -11.63
CA PHE A 109 7.90 -15.69 -11.94
C PHE A 109 8.55 -16.47 -13.06
N ASP A 110 8.49 -17.80 -12.92
CA ASP A 110 8.85 -18.71 -14.02
CA ASP A 110 8.85 -18.70 -14.01
C ASP A 110 7.75 -18.67 -15.07
N VAL A 111 8.10 -18.25 -16.28
CA VAL A 111 7.13 -18.21 -17.38
C VAL A 111 7.50 -19.17 -18.50
N ARG A 112 6.49 -19.60 -19.24
CA ARG A 112 6.71 -20.49 -20.39
C ARG A 112 7.40 -19.72 -21.50
N ILE A 113 8.47 -20.30 -22.05
CA ILE A 113 9.22 -19.68 -23.15
C ILE A 113 8.26 -19.40 -24.31
N GLU A 114 7.33 -20.34 -24.51
CA GLU A 114 6.35 -20.28 -25.59
C GLU A 114 5.48 -19.01 -25.48
N SER A 115 5.29 -18.52 -24.27
CA SER A 115 4.46 -17.32 -24.07
C SER A 115 5.11 -16.01 -24.55
N LEU A 116 6.43 -16.04 -24.73
CA LEU A 116 7.17 -14.91 -25.30
C LEU A 116 7.21 -14.89 -26.83
N MET A 117 6.86 -16.02 -27.46
CA MET A 117 6.76 -16.09 -28.93
C MET A 117 5.31 -16.21 -29.42
N ARG B 5 18.65 -12.09 36.60
CA ARG B 5 18.86 -10.72 36.04
C ARG B 5 19.41 -10.77 34.62
N ARG B 6 19.61 -11.96 34.07
CA ARG B 6 20.21 -12.12 32.75
C ARG B 6 19.28 -11.58 31.68
N VAL B 7 19.82 -10.81 30.76
CA VAL B 7 19.08 -10.36 29.59
C VAL B 7 19.22 -11.42 28.48
N GLU B 8 18.10 -12.05 28.13
CA GLU B 8 18.14 -13.22 27.26
C GLU B 8 17.23 -13.10 26.03
N LYS B 9 16.53 -11.97 25.92
CA LYS B 9 15.59 -11.76 24.82
C LYS B 9 16.11 -10.72 23.82
N VAL B 10 15.83 -10.96 22.55
CA VAL B 10 16.23 -10.06 21.48
C VAL B 10 15.01 -9.82 20.60
N ILE B 11 14.73 -8.55 20.31
CA ILE B 11 13.74 -8.20 19.27
C ILE B 11 14.48 -7.59 18.10
N ILE B 12 14.21 -8.10 16.89
CA ILE B 12 14.80 -7.56 15.67
C ILE B 12 13.71 -6.80 14.95
N VAL B 13 14.04 -5.56 14.59
CA VAL B 13 13.14 -4.71 13.82
C VAL B 13 13.90 -4.15 12.60
N GLU B 14 13.18 -3.49 11.69
CA GLU B 14 13.78 -3.00 10.46
C GLU B 14 14.45 -1.63 10.57
N GLY B 15 13.86 -0.76 11.36
CA GLY B 15 14.27 0.66 11.36
C GLY B 15 14.41 1.31 12.71
N ARG B 16 15.06 2.47 12.75
CA ARG B 16 15.28 3.20 14.00
C ARG B 16 13.97 3.57 14.71
N SER B 17 12.99 4.05 13.95
CA SER B 17 11.71 4.45 14.54
C SER B 17 11.00 3.25 15.17
N ASP B 18 11.16 2.08 14.57
CA ASP B 18 10.58 0.87 15.12
C ASP B 18 11.22 0.57 16.48
N LYS B 19 12.55 0.65 16.51
CA LYS B 19 13.32 0.34 17.71
C LYS B 19 12.91 1.27 18.85
N GLN B 20 12.74 2.55 18.52
CA GLN B 20 12.39 3.56 19.52
C GLN B 20 11.02 3.28 20.12
N LYS B 21 10.06 2.93 19.26
CA LYS B 21 8.70 2.64 19.71
C LYS B 21 8.67 1.42 20.60
N VAL B 22 9.36 0.34 20.19
CA VAL B 22 9.44 -0.88 21.01
C VAL B 22 10.08 -0.60 22.37
N ALA B 23 11.21 0.11 22.36
CA ALA B 23 11.91 0.46 23.61
C ALA B 23 10.98 1.18 24.59
N ALA B 24 10.09 2.02 24.07
CA ALA B 24 9.23 2.88 24.89
C ALA B 24 8.15 2.11 25.63
N VAL B 25 7.81 0.92 25.13
CA VAL B 25 6.75 0.14 25.77
C VAL B 25 7.28 -0.93 26.71
N LEU B 26 8.55 -1.30 26.57
CA LEU B 26 9.09 -2.38 27.39
C LEU B 26 9.37 -1.99 28.82
N ASN B 27 9.17 -2.94 29.74
CA ASN B 27 9.45 -2.71 31.14
C ASN B 27 10.43 -3.77 31.65
N GLU B 28 11.19 -4.35 30.72
CA GLU B 28 12.32 -5.20 31.05
C GLU B 28 13.42 -4.91 30.01
N PRO B 29 14.68 -5.17 30.37
CA PRO B 29 15.75 -5.00 29.38
C PRO B 29 15.66 -6.04 28.27
N VAL B 30 15.81 -5.59 27.04
CA VAL B 30 15.77 -6.45 25.86
C VAL B 30 16.80 -5.93 24.88
N VAL B 31 17.49 -6.84 24.19
CA VAL B 31 18.40 -6.40 23.13
C VAL B 31 17.52 -6.07 21.94
N ILE B 32 17.60 -4.85 21.41
CA ILE B 32 16.86 -4.54 20.19
C ILE B 32 17.84 -4.33 19.06
N VAL B 33 17.67 -5.11 17.98
CA VAL B 33 18.59 -5.03 16.84
C VAL B 33 17.84 -4.48 15.66
N CYS B 34 18.43 -3.51 14.98
CA CYS B 34 17.87 -2.94 13.79
C CYS B 34 18.57 -3.53 12.57
N THR B 35 17.82 -4.05 11.61
CA THR B 35 18.45 -4.56 10.36
C THR B 35 18.91 -3.44 9.42
N ASN B 36 18.42 -2.21 9.68
CA ASN B 36 18.70 -1.07 8.80
CA ASN B 36 18.67 -1.06 8.82
C ASN B 36 18.14 -1.33 7.41
N GLY B 37 16.91 -1.85 7.35
CA GLY B 37 16.29 -2.19 6.08
C GLY B 37 16.57 -3.64 5.72
N THR B 38 16.90 -3.87 4.45
CA THR B 38 17.17 -5.22 3.96
C THR B 38 18.55 -5.68 4.39
N ILE B 39 18.73 -6.99 4.55
CA ILE B 39 19.98 -7.59 5.08
C ILE B 39 20.38 -8.80 4.22
N SER B 40 21.67 -9.07 4.07
CA SER B 40 22.12 -10.22 3.26
C SER B 40 21.94 -11.57 3.98
N ASP B 41 21.83 -12.66 3.20
CA ASP B 41 21.72 -14.01 3.78
C ASP B 41 22.93 -14.31 4.67
N ALA B 42 24.12 -13.97 4.16
CA ALA B 42 25.38 -14.15 4.90
C ALA B 42 25.36 -13.42 6.24
N ARG B 43 24.97 -12.14 6.22
CA ARG B 43 24.94 -11.35 7.44
CA ARG B 43 24.94 -11.34 7.44
C ARG B 43 23.90 -11.91 8.40
N LEU B 44 22.78 -12.36 7.86
CA LEU B 44 21.75 -12.95 8.71
C LEU B 44 22.22 -14.27 9.36
N GLU B 45 22.97 -15.08 8.63
CA GLU B 45 23.45 -16.35 9.18
C GLU B 45 24.43 -16.08 10.30
N GLU B 46 25.30 -15.10 10.08
CA GLU B 46 26.30 -14.71 11.08
C GLU B 46 25.63 -14.14 12.32
N LEU B 47 24.60 -13.33 12.11
CA LEU B 47 23.82 -12.77 13.21
C LEU B 47 23.19 -13.88 14.02
N ALA B 48 22.54 -14.82 13.35
CA ALA B 48 21.91 -15.96 14.03
C ALA B 48 22.93 -16.70 14.87
N ASP B 49 24.13 -16.96 14.34
CA ASP B 49 25.13 -17.66 15.11
C ASP B 49 25.59 -16.84 16.32
N GLU B 50 25.65 -15.51 16.16
CA GLU B 50 26.08 -14.63 17.26
C GLU B 50 25.01 -14.52 18.37
N LEU B 51 23.78 -14.93 18.05
CA LEU B 51 22.66 -14.84 19.00
C LEU B 51 22.27 -16.20 19.55
N GLU B 52 23.09 -17.21 19.26
CA GLU B 52 22.81 -18.56 19.74
C GLU B 52 22.63 -18.49 21.25
N GLY B 53 21.53 -19.06 21.74
CA GLY B 53 21.28 -19.06 23.17
C GLY B 53 20.29 -17.99 23.62
N TYR B 54 20.11 -16.94 22.81
CA TYR B 54 19.10 -15.90 23.06
C TYR B 54 17.76 -16.31 22.50
N ASP B 55 16.71 -15.79 23.12
CA ASP B 55 15.32 -15.92 22.68
C ASP B 55 15.07 -14.76 21.71
N VAL B 56 14.92 -15.06 20.41
CA VAL B 56 14.95 -14.02 19.39
C VAL B 56 13.57 -13.94 18.74
N TYR B 57 13.12 -12.70 18.52
CA TYR B 57 11.82 -12.40 17.93
C TYR B 57 12.03 -11.43 16.75
N LEU B 58 11.24 -11.57 15.69
CA LEU B 58 11.29 -10.62 14.57
C LEU B 58 9.97 -9.88 14.54
N LEU B 59 10.03 -8.54 14.61
CA LEU B 59 8.84 -7.71 14.51
C LEU B 59 9.02 -6.80 13.30
N ALA B 60 8.50 -7.24 12.16
CA ALA B 60 8.66 -6.55 10.87
C ALA B 60 7.35 -5.88 10.44
N ASP B 61 7.44 -4.94 9.49
CA ASP B 61 6.28 -4.29 8.94
C ASP B 61 5.38 -5.29 8.24
N ALA B 62 4.10 -4.92 8.12
CA ALA B 62 3.14 -5.69 7.36
C ALA B 62 3.05 -5.13 5.95
N ASP B 63 4.18 -5.04 5.27
CA ASP B 63 4.22 -4.58 3.89
C ASP B 63 5.16 -5.51 3.11
N GLU B 64 5.43 -5.17 1.85
CA GLU B 64 6.30 -5.96 0.98
C GLU B 64 7.65 -6.29 1.59
N ALA B 65 8.37 -5.24 2.00
CA ALA B 65 9.73 -5.38 2.52
C ALA B 65 9.74 -6.16 3.84
N GLY B 66 8.70 -5.97 4.65
CA GLY B 66 8.55 -6.70 5.89
C GLY B 66 8.31 -8.19 5.64
N GLU B 67 7.45 -8.50 4.67
CA GLU B 67 7.20 -9.90 4.30
C GLU B 67 8.44 -10.59 3.73
N LYS B 68 9.22 -9.87 2.93
CA LYS B 68 10.46 -10.39 2.37
C LYS B 68 11.41 -10.77 3.50
N LEU B 69 11.51 -9.90 4.48
CA LEU B 69 12.41 -10.14 5.59
C LEU B 69 11.96 -11.37 6.38
N ARG B 70 10.66 -11.53 6.58
CA ARG B 70 10.15 -12.72 7.26
C ARG B 70 10.48 -14.01 6.51
N ARG B 71 10.32 -14.00 5.19
CA ARG B 71 10.65 -15.16 4.38
C ARG B 71 12.12 -15.52 4.53
N GLN B 72 12.98 -14.50 4.51
CA GLN B 72 14.40 -14.71 4.68
C GLN B 72 14.72 -15.33 6.06
N PHE B 73 14.06 -14.82 7.11
CA PHE B 73 14.29 -15.38 8.44
C PHE B 73 13.81 -16.82 8.57
N ARG B 74 12.71 -17.16 7.90
CA ARG B 74 12.22 -18.55 7.92
CA ARG B 74 12.25 -18.54 7.97
C ARG B 74 13.26 -19.52 7.40
N ARG B 75 14.02 -19.05 6.40
CA ARG B 75 15.07 -19.87 5.78
C ARG B 75 16.34 -19.88 6.61
N MET B 76 16.80 -18.70 7.04
CA MET B 76 18.17 -18.59 7.52
C MET B 76 18.26 -18.60 9.04
N PHE B 77 17.14 -18.32 9.70
CA PHE B 77 17.12 -18.11 11.14
C PHE B 77 15.81 -18.69 11.65
N PRO B 78 15.63 -20.01 11.51
CA PRO B 78 14.32 -20.60 11.80
C PRO B 78 13.93 -20.51 13.29
N GLU B 79 14.90 -20.29 14.17
CA GLU B 79 14.66 -20.19 15.61
C GLU B 79 14.01 -18.87 16.01
N ALA B 80 14.10 -17.85 15.15
CA ALA B 80 13.53 -16.53 15.50
C ALA B 80 12.04 -16.62 15.38
N GLU B 81 11.32 -16.20 16.43
CA GLU B 81 9.85 -16.22 16.45
C GLU B 81 9.29 -14.95 15.86
N HIS B 82 8.25 -15.09 15.04
CA HIS B 82 7.65 -13.93 14.38
C HIS B 82 6.52 -13.32 15.17
N LEU B 83 6.64 -12.00 15.39
CA LEU B 83 5.58 -11.19 16.02
C LEU B 83 4.95 -10.26 14.99
N TYR B 84 3.64 -10.10 15.10
CA TYR B 84 2.90 -9.38 14.06
C TYR B 84 2.12 -8.21 14.63
N ILE B 85 2.18 -7.08 13.95
CA ILE B 85 1.19 -6.03 14.16
C ILE B 85 -0.03 -6.29 13.27
N ASP B 86 -1.12 -5.64 13.63
CA ASP B 86 -2.32 -5.64 12.81
C ASP B 86 -1.94 -5.00 11.49
N ARG B 87 -2.14 -5.72 10.39
CA ARG B 87 -1.74 -5.20 9.08
C ARG B 87 -2.43 -3.87 8.75
N ALA B 88 -3.56 -3.59 9.40
CA ALA B 88 -4.23 -2.30 9.26
C ALA B 88 -3.27 -1.12 9.45
N TYR B 89 -2.30 -1.28 10.36
CA TYR B 89 -1.33 -0.22 10.64
C TYR B 89 -0.15 -0.17 9.67
N ARG B 90 0.02 -1.25 8.89
CA ARG B 90 1.05 -1.37 7.84
C ARG B 90 2.48 -1.45 8.36
N GLU B 91 2.88 -0.49 9.19
CA GLU B 91 4.24 -0.36 9.69
C GLU B 91 4.30 -0.38 11.22
N VAL B 92 5.29 -1.05 11.78
CA VAL B 92 5.52 -1.07 13.23
C VAL B 92 5.54 0.36 13.80
N ALA B 93 6.29 1.26 13.13
CA ALA B 93 6.46 2.64 13.57
C ALA B 93 5.13 3.41 13.61
N ALA B 94 4.17 2.96 12.82
CA ALA B 94 2.88 3.64 12.70
C ALA B 94 1.80 3.04 13.60
N ALA B 95 2.13 1.91 14.23
CA ALA B 95 1.21 1.29 15.16
C ALA B 95 1.14 2.09 16.45
N PRO B 96 -0.06 2.19 17.02
CA PRO B 96 -0.21 2.92 18.28
C PRO B 96 0.51 2.18 19.39
N ILE B 97 0.98 2.93 20.36
CA ILE B 97 1.72 2.39 21.49
C ILE B 97 0.89 1.31 22.19
N TRP B 98 -0.41 1.55 22.40
CA TRP B 98 -1.27 0.57 23.06
C TRP B 98 -1.27 -0.78 22.32
N HIS B 99 -1.24 -0.73 20.99
CA HIS B 99 -1.26 -1.93 20.18
C HIS B 99 0.07 -2.68 20.26
N LEU B 100 1.17 -1.96 20.10
CA LEU B 100 2.49 -2.57 20.26
CA LEU B 100 2.49 -2.56 20.26
C LEU B 100 2.64 -3.20 21.64
N ALA B 101 2.14 -2.51 22.67
CA ALA B 101 2.21 -3.02 24.04
C ALA B 101 1.44 -4.34 24.16
N GLN B 102 0.24 -4.40 23.58
CA GLN B 102 -0.61 -5.62 23.61
C GLN B 102 0.08 -6.78 22.88
N VAL B 103 0.68 -6.48 21.72
CA VAL B 103 1.39 -7.48 20.92
C VAL B 103 2.58 -8.04 21.70
N LEU B 104 3.36 -7.17 22.34
CA LEU B 104 4.52 -7.65 23.09
C LEU B 104 4.11 -8.42 24.36
N LEU B 105 3.06 -7.95 25.02
CA LEU B 105 2.56 -8.61 26.21
C LEU B 105 2.13 -10.06 25.90
N ARG B 106 1.42 -10.22 24.78
CA ARG B 106 0.95 -11.54 24.39
C ARG B 106 2.14 -12.47 24.10
N ALA B 107 3.25 -11.88 23.65
CA ALA B 107 4.50 -12.61 23.39
C ALA B 107 5.38 -12.78 24.65
N ARG B 108 4.77 -12.51 25.82
CA ARG B 108 5.39 -12.77 27.13
CA ARG B 108 5.37 -12.77 27.14
C ARG B 108 6.47 -11.77 27.56
N PHE B 109 6.50 -10.60 26.90
CA PHE B 109 7.35 -9.52 27.36
C PHE B 109 6.70 -8.75 28.51
N ASP B 110 7.53 -8.23 29.39
CA ASP B 110 7.07 -7.28 30.40
C ASP B 110 6.93 -5.93 29.73
N VAL B 111 5.72 -5.40 29.78
CA VAL B 111 5.46 -4.07 29.23
C VAL B 111 5.05 -3.09 30.31
N ARG B 112 5.17 -1.80 30.02
CA ARG B 112 4.72 -0.80 30.98
C ARG B 112 3.20 -0.85 31.03
N ILE B 113 2.66 -1.02 32.23
CA ILE B 113 1.21 -1.21 32.37
C ILE B 113 0.43 -0.05 31.74
N GLU B 114 0.94 1.16 31.96
CA GLU B 114 0.31 2.35 31.41
CA GLU B 114 0.41 2.40 31.40
C GLU B 114 0.26 2.35 29.88
N SER B 115 1.21 1.66 29.25
CA SER B 115 1.32 1.65 27.79
CA SER B 115 1.32 1.63 27.78
C SER B 115 0.18 0.88 27.14
N LEU B 116 -0.50 0.04 27.92
CA LEU B 116 -1.56 -0.79 27.41
C LEU B 116 -2.82 0.02 27.15
N MET B 117 -2.96 1.15 27.84
CA MET B 117 -4.18 1.94 27.77
C MET B 117 -4.15 2.91 26.59
N ARG B 118 -5.21 2.87 25.81
CA ARG B 118 -5.38 3.80 24.70
C ARG B 118 -5.54 5.23 25.31
N GLY B 119 -4.72 6.18 24.85
CA GLY B 119 -4.74 7.55 25.38
C GLY B 119 -5.91 8.40 24.86
N ARG B 120 -6.25 9.48 25.59
CA ARG B 120 -7.40 10.32 25.21
C ARG B 120 -7.21 10.92 23.70
N GLY B 121 -8.33 10.31 22.83
CA GLY B 121 -8.25 10.80 21.45
C GLY B 121 -7.67 9.78 20.50
N GLU B 122 -7.09 8.71 21.06
CA GLU B 122 -6.54 7.65 20.23
C GLU B 122 -7.63 6.67 19.84
N MET C 4 -0.69 13.16 12.47
CA MET C 4 0.31 12.06 12.56
C MET C 4 0.00 10.95 11.54
N ARG C 5 -1.02 11.20 10.72
CA ARG C 5 -1.54 10.22 9.77
C ARG C 5 -0.62 10.07 8.55
N ARG C 6 -0.55 8.85 8.03
CA ARG C 6 0.23 8.56 6.80
C ARG C 6 -0.37 9.29 5.62
N VAL C 7 0.47 9.72 4.69
CA VAL C 7 -0.02 10.49 3.54
C VAL C 7 -0.22 9.53 2.38
N GLU C 8 -1.46 9.34 1.98
CA GLU C 8 -1.72 8.39 0.89
C GLU C 8 -2.67 8.90 -0.16
N LYS C 9 -3.05 10.18 -0.08
CA LYS C 9 -3.95 10.75 -1.12
C LYS C 9 -3.29 11.91 -1.83
N VAL C 10 -3.60 12.02 -3.12
CA VAL C 10 -3.06 13.10 -3.95
C VAL C 10 -4.21 13.71 -4.73
N ILE C 11 -4.32 15.04 -4.73
CA ILE C 11 -5.29 15.72 -5.60
C ILE C 11 -4.52 16.54 -6.61
N ILE C 12 -4.83 16.34 -7.90
CA ILE C 12 -4.19 17.08 -8.98
C ILE C 12 -5.17 18.16 -9.42
N VAL C 13 -4.71 19.40 -9.42
CA VAL C 13 -5.54 20.58 -9.82
C VAL C 13 -4.83 21.31 -10.94
N GLU C 14 -5.52 22.29 -11.54
CA GLU C 14 -5.04 22.93 -12.76
C GLU C 14 -4.20 24.18 -12.53
N GLY C 15 -4.56 24.97 -11.51
CA GLY C 15 -3.88 26.25 -11.23
C GLY C 15 -3.50 26.49 -9.77
N ARG C 16 -2.56 27.42 -9.56
CA ARG C 16 -2.07 27.71 -8.21
C ARG C 16 -3.19 28.17 -7.28
N SER C 17 -4.09 29.02 -7.77
CA SER C 17 -5.19 29.48 -6.90
C SER C 17 -6.16 28.36 -6.55
N ASP C 18 -6.27 27.38 -7.45
CA ASP C 18 -7.08 26.17 -7.20
C ASP C 18 -6.45 25.39 -6.07
N LYS C 19 -5.12 25.25 -6.14
CA LYS C 19 -4.40 24.50 -5.09
C LYS C 19 -4.59 25.17 -3.74
N GLN C 20 -4.48 26.49 -3.71
CA GLN C 20 -4.63 27.23 -2.45
C GLN C 20 -6.01 27.02 -1.79
N LYS C 21 -7.06 27.02 -2.59
CA LYS C 21 -8.40 26.83 -2.04
C LYS C 21 -8.63 25.40 -1.57
N VAL C 22 -8.14 24.44 -2.33
CA VAL C 22 -8.29 23.04 -1.91
C VAL C 22 -7.52 22.83 -0.61
N ALA C 23 -6.29 23.34 -0.53
CA ALA C 23 -5.50 23.21 0.69
C ALA C 23 -6.21 23.85 1.87
N ALA C 24 -6.97 24.92 1.64
CA ALA C 24 -7.63 25.62 2.72
C ALA C 24 -8.85 24.89 3.28
N VAL C 25 -9.40 23.94 2.52
CA VAL C 25 -10.60 23.22 2.99
C VAL C 25 -10.27 21.89 3.62
N LEU C 26 -9.17 21.28 3.17
CA LEU C 26 -8.81 19.95 3.64
C LEU C 26 -8.41 19.94 5.12
N ASN C 27 -8.71 18.85 5.80
CA ASN C 27 -8.30 18.65 7.20
C ASN C 27 -7.61 17.29 7.40
N GLU C 28 -6.92 16.86 6.35
CA GLU C 28 -6.04 15.71 6.42
C GLU C 28 -4.88 15.97 5.48
N PRO C 29 -3.72 15.31 5.71
CA PRO C 29 -2.57 15.60 4.85
C PRO C 29 -2.74 15.02 3.45
N VAL C 30 -2.69 15.89 2.45
CA VAL C 30 -2.91 15.47 1.06
C VAL C 30 -1.88 16.18 0.21
N VAL C 31 -1.26 15.44 -0.72
CA VAL C 31 -0.31 16.07 -1.64
C VAL C 31 -1.15 16.72 -2.72
N ILE C 32 -0.91 18.00 -3.00
CA ILE C 32 -1.68 18.64 -4.09
C ILE C 32 -0.67 19.04 -5.19
N VAL C 33 -0.90 18.52 -6.40
CA VAL C 33 -0.04 18.78 -7.55
C VAL C 33 -0.80 19.74 -8.44
N CYS C 34 -0.12 20.80 -8.90
CA CYS C 34 -0.71 21.75 -9.83
C CYS C 34 -0.09 21.53 -11.20
N THR C 35 -0.91 21.38 -12.23
CA THR C 35 -0.39 21.12 -13.57
C THR C 35 -0.08 22.41 -14.33
N ASN C 36 -0.64 23.53 -13.87
CA ASN C 36 -0.56 24.81 -14.60
C ASN C 36 -1.09 24.64 -16.03
N GLY C 37 -2.31 24.11 -16.12
CA GLY C 37 -2.96 23.90 -17.41
C GLY C 37 -2.60 22.58 -18.03
N THR C 38 -2.44 22.56 -19.35
CA THR C 38 -2.17 21.30 -20.04
C THR C 38 -0.73 20.91 -19.83
N ILE C 39 -0.44 19.60 -20.01
CA ILE C 39 0.89 19.06 -19.82
C ILE C 39 1.23 18.05 -20.91
N SER C 40 2.52 17.85 -21.12
CA SER C 40 2.95 16.86 -22.10
C SER C 40 2.64 15.45 -21.62
N ASP C 41 2.58 14.51 -22.58
CA ASP C 41 2.42 13.10 -22.23
C ASP C 41 3.59 12.61 -21.35
N ALA C 42 4.83 13.04 -21.65
CA ALA C 42 5.98 12.67 -20.83
C ALA C 42 5.82 13.15 -19.39
N ARG C 43 5.31 14.36 -19.21
CA ARG C 43 5.08 14.88 -17.86
C ARG C 43 4.02 14.04 -17.13
N LEU C 44 2.96 13.66 -17.85
CA LEU C 44 1.89 12.87 -17.23
C LEU C 44 2.45 11.50 -16.81
N GLU C 45 3.26 10.90 -17.68
CA GLU C 45 3.81 9.57 -17.40
CA GLU C 45 3.82 9.58 -17.40
C GLU C 45 4.72 9.64 -16.19
N GLU C 46 5.48 10.72 -16.09
CA GLU C 46 6.39 10.97 -14.97
C GLU C 46 5.58 11.08 -13.67
N LEU C 47 4.49 11.83 -13.74
CA LEU C 47 3.64 12.03 -12.58
CA LEU C 47 3.62 12.03 -12.58
C LEU C 47 3.04 10.70 -12.14
N ALA C 48 2.54 9.93 -13.12
CA ALA C 48 1.98 8.61 -12.79
C ALA C 48 2.97 7.68 -12.09
N ASP C 49 4.23 7.71 -12.53
CA ASP C 49 5.25 6.89 -11.90
C ASP C 49 5.53 7.38 -10.48
N GLU C 50 5.60 8.71 -10.32
CA GLU C 50 5.84 9.33 -9.01
C GLU C 50 4.73 9.09 -8.01
N LEU C 51 3.51 8.93 -8.52
CA LEU C 51 2.32 8.77 -7.66
C LEU C 51 1.89 7.32 -7.50
N GLU C 52 2.72 6.40 -7.96
CA GLU C 52 2.36 4.97 -7.82
C GLU C 52 2.18 4.68 -6.34
N GLY C 53 1.04 4.09 -6.00
CA GLY C 53 0.80 3.68 -4.61
C GLY C 53 0.00 4.71 -3.83
N TYR C 54 -0.22 5.87 -4.43
CA TYR C 54 -1.13 6.86 -3.88
C TYR C 54 -2.52 6.74 -4.47
N ASP C 55 -3.50 7.19 -3.69
CA ASP C 55 -4.87 7.33 -4.13
CA ASP C 55 -4.88 7.34 -4.14
C ASP C 55 -4.96 8.70 -4.81
N VAL C 56 -5.12 8.68 -6.15
CA VAL C 56 -4.98 9.92 -6.96
C VAL C 56 -6.33 10.38 -7.48
N TYR C 57 -6.57 11.69 -7.37
CA TYR C 57 -7.82 12.34 -7.83
C TYR C 57 -7.45 13.48 -8.75
N LEU C 58 -8.23 13.66 -9.83
CA LEU C 58 -8.05 14.82 -10.72
C LEU C 58 -9.24 15.75 -10.55
N LEU C 59 -9.00 16.96 -10.05
CA LEU C 59 -10.03 17.96 -9.82
C LEU C 59 -9.60 19.18 -10.67
N ALA C 60 -9.94 19.08 -11.96
CA ALA C 60 -9.58 20.14 -12.91
C ALA C 60 -10.62 21.24 -12.90
N ASP C 61 -10.30 22.33 -13.59
CA ASP C 61 -11.32 23.36 -13.76
C ASP C 61 -12.21 23.08 -14.94
N ALA C 62 -13.37 23.76 -14.98
CA ALA C 62 -14.34 23.63 -16.07
C ALA C 62 -13.98 24.61 -17.17
N ASP C 63 -12.80 24.42 -17.75
CA ASP C 63 -12.32 25.25 -18.86
C ASP C 63 -11.68 24.38 -19.93
N GLU C 64 -11.28 25.00 -21.04
CA GLU C 64 -10.79 24.21 -22.18
C GLU C 64 -9.59 23.35 -21.81
N ALA C 65 -8.65 23.94 -21.09
CA ALA C 65 -7.45 23.19 -20.65
C ALA C 65 -7.85 22.04 -19.73
N GLY C 66 -8.80 22.29 -18.83
CA GLY C 66 -9.33 21.25 -17.94
C GLY C 66 -9.91 20.08 -18.70
N GLU C 67 -10.68 20.36 -19.74
CA GLU C 67 -11.29 19.29 -20.55
C GLU C 67 -10.26 18.49 -21.30
N LYS C 68 -9.26 19.18 -21.87
CA LYS C 68 -8.11 18.50 -22.49
C LYS C 68 -7.35 17.63 -21.49
N LEU C 69 -7.10 18.16 -20.29
CA LEU C 69 -6.46 17.38 -19.24
C LEU C 69 -7.26 16.15 -18.91
N ARG C 70 -8.58 16.30 -18.77
CA ARG C 70 -9.39 15.15 -18.38
C ARG C 70 -9.33 14.08 -19.46
N ARG C 71 -9.37 14.49 -20.73
CA ARG C 71 -9.34 13.50 -21.81
C ARG C 71 -8.00 12.77 -21.80
N GLN C 72 -6.93 13.54 -21.60
CA GLN C 72 -5.59 12.96 -21.54
C GLN C 72 -5.48 11.96 -20.41
N PHE C 73 -5.98 12.33 -19.23
CA PHE C 73 -5.90 11.42 -18.09
C PHE C 73 -6.76 10.17 -18.28
N ARG C 74 -7.95 10.33 -18.88
CA ARG C 74 -8.82 9.16 -19.09
C ARG C 74 -8.11 8.17 -19.98
N ARG C 75 -7.34 8.69 -20.95
CA ARG C 75 -6.59 7.85 -21.87
C ARG C 75 -5.34 7.24 -21.26
N MET C 76 -4.56 8.06 -20.56
CA MET C 76 -3.19 7.71 -20.18
C MET C 76 -2.97 7.45 -18.69
N PHE C 77 -3.92 7.86 -17.86
CA PHE C 77 -3.79 7.68 -16.40
C PHE C 77 -5.17 7.36 -15.83
N PRO C 78 -5.76 6.23 -16.25
CA PRO C 78 -7.14 5.91 -15.89
C PRO C 78 -7.35 5.72 -14.40
N GLU C 79 -6.26 5.45 -13.69
CA GLU C 79 -6.37 5.24 -12.25
C GLU C 79 -6.64 6.52 -11.46
N ALA C 80 -6.44 7.68 -12.09
CA ALA C 80 -6.75 8.95 -11.43
C ALA C 80 -8.26 9.13 -11.45
N GLU C 81 -8.87 9.23 -10.26
CA GLU C 81 -10.34 9.36 -10.18
C GLU C 81 -10.73 10.80 -10.42
N HIS C 82 -11.70 11.03 -11.32
CA HIS C 82 -12.11 12.41 -11.60
C HIS C 82 -13.16 12.91 -10.61
N LEU C 83 -12.87 14.10 -10.05
CA LEU C 83 -13.81 14.84 -9.19
C LEU C 83 -14.15 16.12 -9.94
N TYR C 84 -15.36 16.62 -9.69
CA TYR C 84 -15.88 17.81 -10.39
C TYR C 84 -16.48 18.83 -9.45
N ILE C 85 -16.15 20.09 -9.68
CA ILE C 85 -17.00 21.14 -9.11
C ILE C 85 -18.18 21.37 -10.06
N ASP C 86 -19.17 22.14 -9.58
CA ASP C 86 -20.26 22.62 -10.42
C ASP C 86 -19.61 23.51 -11.47
N ARG C 87 -19.80 23.18 -12.74
CA ARG C 87 -19.08 23.88 -13.80
C ARG C 87 -19.42 25.35 -13.84
N ALA C 88 -20.53 25.73 -13.22
CA ALA C 88 -20.94 27.15 -13.22
C ALA C 88 -19.89 28.06 -12.58
N TYR C 89 -19.09 27.52 -11.65
CA TYR C 89 -18.08 28.40 -11.02
C TYR C 89 -16.80 28.53 -11.82
N ARG C 90 -16.67 27.69 -12.83
CA ARG C 90 -15.54 27.66 -13.79
C ARG C 90 -14.22 27.13 -13.20
N GLU C 91 -13.69 27.78 -12.15
CA GLU C 91 -12.44 27.34 -11.51
C GLU C 91 -12.73 26.93 -10.09
N VAL C 92 -11.99 25.92 -9.65
CA VAL C 92 -12.04 25.49 -8.25
C VAL C 92 -11.81 26.71 -7.34
N ALA C 93 -10.83 27.57 -7.68
CA ALA C 93 -10.58 28.76 -6.87
C ALA C 93 -11.81 29.65 -6.69
N ALA C 94 -12.72 29.64 -7.66
CA ALA C 94 -13.89 30.53 -7.65
C ALA C 94 -15.12 29.90 -7.04
N ALA C 95 -15.01 28.63 -6.66
CA ALA C 95 -16.15 27.86 -6.09
C ALA C 95 -16.35 28.24 -4.64
N PRO C 96 -17.60 28.31 -4.17
CA PRO C 96 -17.86 28.57 -2.75
C PRO C 96 -17.13 27.50 -1.93
N ILE C 97 -16.50 27.90 -0.83
CA ILE C 97 -15.74 26.99 0.02
CA ILE C 97 -15.73 26.97 -0.02
C ILE C 97 -16.58 25.77 0.45
N TRP C 98 -17.84 26.03 0.83
CA TRP C 98 -18.73 24.97 1.30
C TRP C 98 -19.16 24.02 0.18
N HIS C 99 -19.13 24.49 -1.07
CA HIS C 99 -19.33 23.59 -2.23
C HIS C 99 -18.11 22.69 -2.40
N LEU C 100 -16.92 23.25 -2.35
CA LEU C 100 -15.71 22.41 -2.43
C LEU C 100 -15.71 21.39 -1.29
N ALA C 101 -16.13 21.79 -0.10
CA ALA C 101 -16.17 20.88 1.06
C ALA C 101 -17.05 19.68 0.72
N GLN C 102 -18.17 19.93 0.07
CA GLN C 102 -19.08 18.84 -0.32
C GLN C 102 -18.48 17.90 -1.37
N VAL C 103 -17.85 18.47 -2.39
CA VAL C 103 -17.18 17.66 -3.40
C VAL C 103 -16.15 16.75 -2.75
N LEU C 104 -15.37 17.30 -1.82
CA LEU C 104 -14.31 16.51 -1.15
C LEU C 104 -14.90 15.51 -0.17
N LEU C 105 -15.95 15.90 0.57
CA LEU C 105 -16.66 14.98 1.46
C LEU C 105 -17.20 13.78 0.70
N ARG C 106 -17.73 14.03 -0.49
CA ARG C 106 -18.30 12.91 -1.26
C ARG C 106 -17.24 11.89 -1.69
N ALA C 107 -16.00 12.39 -1.83
CA ALA C 107 -14.83 11.60 -2.20
C ALA C 107 -14.10 11.08 -0.96
N ARG C 108 -14.73 11.27 0.20
CA ARG C 108 -14.31 10.69 1.50
C ARG C 108 -13.06 11.35 2.08
N PHE C 109 -12.83 12.62 1.72
CA PHE C 109 -11.79 13.42 2.38
C PHE C 109 -12.32 14.04 3.65
N ASP C 110 -11.42 14.28 4.61
CA ASP C 110 -11.75 15.03 5.81
C ASP C 110 -11.62 16.48 5.46
N VAL C 111 -12.58 17.29 5.90
CA VAL C 111 -12.57 18.73 5.62
C VAL C 111 -12.69 19.53 6.91
N ARG C 112 -12.27 20.78 6.86
CA ARG C 112 -12.28 21.62 8.04
C ARG C 112 -13.71 21.90 8.46
N ILE C 113 -13.98 21.86 9.77
CA ILE C 113 -15.32 22.07 10.27
C ILE C 113 -15.91 23.40 9.80
N GLU C 114 -15.07 24.45 9.76
CA GLU C 114 -15.52 25.83 9.38
C GLU C 114 -16.03 25.85 7.93
N SER C 115 -15.65 24.85 7.13
CA SER C 115 -16.07 24.80 5.69
C SER C 115 -17.44 24.20 5.46
N LEU C 116 -18.04 23.63 6.50
CA LEU C 116 -19.25 22.84 6.34
C LEU C 116 -20.51 23.64 6.09
N MET C 117 -20.71 24.72 6.83
CA MET C 117 -21.95 25.47 6.75
C MET C 117 -22.12 26.07 5.36
N ARG C 118 -23.35 26.00 4.82
CA ARG C 118 -23.69 26.57 3.51
CA ARG C 118 -23.64 26.59 3.52
C ARG C 118 -24.06 28.05 3.59
N GLY C 119 -23.77 28.81 2.53
CA GLY C 119 -24.14 30.23 2.47
C GLY C 119 -25.34 30.43 1.57
N ARG C 120 -25.85 31.67 1.49
CA ARG C 120 -27.10 31.97 0.77
C ARG C 120 -28.21 30.99 1.21
#